data_9OB3
#
_entry.id   9OB3
#
_cell.length_a   101.160
_cell.length_b   101.160
_cell.length_c   151.070
_cell.angle_alpha   90.000
_cell.angle_beta   90.000
_cell.angle_gamma   90.000
#
_symmetry.space_group_name_H-M   'P 41 21 2'
#
loop_
_entity.id
_entity.type
_entity.pdbx_description
1 polymer 'Cyclin-dependent kinase 2'
2 polymer 'G1/S-specific cyclin-E1'
3 non-polymer '(1R,3R)-3-{3-[(pyrazine-2-carbonyl)amino]-1H-pyrazol-5-yl}cyclopentyl [(1S)-1-cyclopropylethyl]carbamate'
4 water water
#
loop_
_entity_poly.entity_id
_entity_poly.type
_entity_poly.pdbx_seq_one_letter_code
_entity_poly.pdbx_strand_id
1 'polypeptide(L)'
;SHMMENFQKVEKIGEGTYGVVYKARNKLTGEVVALKKIRLDTETEGVPSTAIREISLLKELNHPNIVKLLDVIHTENKLY
LVFEFLHQDLKKFMDASALTGIPLPLIKSYLFQLLQGLAFCHSHRVLHRDLKPQNLLINTEGAIKLADFGLARAFGVPVR
TY(TPO)HEVVTLWYRAPEILLGCKYYSTAVDIWSLGCIFAEMVTRRALFPGDSEIDQLFRIFRTLGTPDEVVWPGVTSM
PDYKPSFPKWARQDFSKVVPPLDEDGRSLLSQMLHYDPNKRISAKAALAHPFFQDVTKPVPHLRL
;
A
2 'polypeptide(L)'
;GSIIAPSRGSPLPVLSWANREEVWKIMLNKEKTYLRDQHFLEQHPLLQPKMRAILLDWLMEVCEVYKLHRETFYLAQDFF
DRYMATQENVVKTLLQLIGISSLFIAAKLEEIYPPKLHQFAYVTDGACSGDEILTMELMIMKALKWRLSPLTIVSWLNVY
MQVAYLNDLHEVLLPQYPQQIFIQIAELLDLCVLDVDCLEFPYGILAASALYHFSSSELMQKVSGYQWCDIENCVKWMVP
FAMVIRETGSSKLKHFRGVADEDAHNIQTHRDSLDLLDKARAKKA
;
B
#
loop_
_chem_comp.id
_chem_comp.type
_chem_comp.name
_chem_comp.formula
A1CAH non-polymer '(1R,3R)-3-{3-[(pyrazine-2-carbonyl)amino]-1H-pyrazol-5-yl}cyclopentyl [(1S)-1-cyclopropylethyl]carbamate' 'C19 H24 N6 O3'
#
# COMPACT_ATOMS: atom_id res chain seq x y z
N MET A 4 12.24 22.96 15.59
CA MET A 4 10.98 23.69 15.55
C MET A 4 11.09 25.06 16.23
N GLU A 5 11.60 26.05 15.50
CA GLU A 5 11.74 27.41 16.02
C GLU A 5 11.34 28.45 14.98
N ASN A 6 11.74 28.25 13.73
CA ASN A 6 11.52 29.24 12.67
C ASN A 6 10.07 29.30 12.18
N PHE A 7 9.19 28.43 12.67
CA PHE A 7 7.80 28.39 12.24
C PHE A 7 6.90 29.06 13.27
N GLN A 8 6.04 29.96 12.79
CA GLN A 8 5.06 30.64 13.62
C GLN A 8 3.67 30.19 13.18
N LYS A 9 2.93 29.58 14.10
CA LYS A 9 1.56 29.18 13.79
C LYS A 9 0.74 30.42 13.44
N VAL A 10 0.00 30.33 12.35
CA VAL A 10 -0.78 31.44 11.83
C VAL A 10 -2.28 31.22 11.99
N GLU A 11 -2.74 30.00 11.73
CA GLU A 11 -4.18 29.75 11.76
C GLU A 11 -4.44 28.25 11.82
N LYS A 12 -5.40 27.84 12.65
CA LYS A 12 -5.84 26.46 12.65
C LYS A 12 -6.76 26.23 11.45
N ILE A 13 -6.45 25.22 10.64
CA ILE A 13 -7.19 24.95 9.42
C ILE A 13 -7.91 23.61 9.41
N GLY A 14 -7.68 22.74 10.39
CA GLY A 14 -8.31 21.44 10.35
C GLY A 14 -8.03 20.63 11.61
N GLU A 15 -8.80 19.56 11.79
CA GLU A 15 -8.69 18.73 12.98
C GLU A 15 -9.23 17.34 12.68
N GLY A 16 -8.43 16.33 13.02
CA GLY A 16 -8.86 14.94 12.86
C GLY A 16 -8.64 14.11 14.12
N THR A 17 -8.74 12.79 13.97
CA THR A 17 -8.67 11.90 15.14
C THR A 17 -7.31 11.97 15.82
N TYR A 18 -6.23 11.90 15.04
CA TYR A 18 -4.89 11.82 15.61
C TYR A 18 -4.11 13.12 15.53
N GLY A 19 -4.68 14.19 15.01
CA GLY A 19 -3.91 15.41 14.93
C GLY A 19 -4.71 16.60 14.44
N VAL A 20 -4.09 17.77 14.61
CA VAL A 20 -4.65 19.05 14.19
C VAL A 20 -3.72 19.63 13.13
N VAL A 21 -4.31 20.30 12.14
CA VAL A 21 -3.56 20.92 11.05
C VAL A 21 -3.57 22.43 11.24
N TYR A 22 -2.39 23.04 11.14
CA TYR A 22 -2.23 24.48 11.23
C TYR A 22 -1.58 25.02 9.95
N LYS A 23 -1.94 26.24 9.60
CA LYS A 23 -1.15 27.04 8.68
C LYS A 23 -0.05 27.73 9.47
N ALA A 24 1.19 27.64 9.00
CA ALA A 24 2.32 28.27 9.67
C ALA A 24 3.18 29.01 8.66
N ARG A 25 4.04 29.89 9.17
CA ARG A 25 4.81 30.77 8.31
C ARG A 25 6.23 30.87 8.85
N ASN A 26 7.21 30.51 8.02
CA ASN A 26 8.61 30.70 8.36
C ASN A 26 8.91 32.20 8.46
N LYS A 27 9.40 32.63 9.62
CA LYS A 27 9.65 34.05 9.84
C LYS A 27 10.87 34.55 9.10
N LEU A 28 11.82 33.67 8.76
CA LEU A 28 13.02 34.12 8.06
C LEU A 28 12.77 34.25 6.56
N THR A 29 12.19 33.22 5.95
CA THR A 29 12.06 33.14 4.51
C THR A 29 10.72 33.63 3.98
N GLY A 30 9.72 33.78 4.84
CA GLY A 30 8.39 34.10 4.39
C GLY A 30 7.63 32.93 3.80
N GLU A 31 8.17 31.72 3.92
CA GLU A 31 7.54 30.53 3.36
C GLU A 31 6.44 30.02 4.29
N VAL A 32 5.25 29.74 3.73
CA VAL A 32 4.14 29.19 4.50
C VAL A 32 4.02 27.70 4.23
N VAL A 33 3.66 26.94 5.26
CA VAL A 33 3.50 25.50 5.21
C VAL A 33 2.24 25.13 5.97
N ALA A 34 1.87 23.85 5.91
CA ALA A 34 0.82 23.28 6.74
C ALA A 34 1.45 22.27 7.69
N LEU A 35 1.14 22.40 8.97
CA LEU A 35 1.68 21.55 10.04
C LEU A 35 0.60 20.62 10.54
N LYS A 36 0.82 19.30 10.39
CA LYS A 36 -0.03 18.31 11.02
C LYS A 36 0.62 17.88 12.32
N LYS A 37 0.05 18.32 13.44
CA LYS A 37 0.63 18.09 14.76
C LYS A 37 0.03 16.82 15.35
N ILE A 38 0.88 15.99 15.95
CA ILE A 38 0.47 14.74 16.57
C ILE A 38 1.06 14.73 17.97
N ARG A 39 0.20 14.88 18.98
CA ARG A 39 0.65 14.84 20.36
C ARG A 39 0.79 13.39 20.79
N LEU A 40 2.04 12.95 20.98
CA LEU A 40 2.31 11.55 21.28
C LEU A 40 1.97 11.18 22.72
N ASP A 41 1.86 12.16 23.61
CA ASP A 41 1.53 11.87 25.00
C ASP A 41 0.14 11.28 25.13
N THR A 42 -0.78 11.61 24.21
CA THR A 42 -2.14 11.09 24.25
C THR A 42 -2.30 9.75 23.54
N GLU A 43 -1.30 9.31 22.79
CA GLU A 43 -1.42 8.12 21.96
C GLU A 43 -0.93 6.91 22.75
N THR A 44 -1.87 6.01 23.08
CA THR A 44 -1.51 4.82 23.83
C THR A 44 -0.73 3.81 22.99
N GLU A 45 -0.95 3.82 21.67
CA GLU A 45 -0.28 2.90 20.77
C GLU A 45 0.92 3.52 20.07
N GLY A 46 1.49 4.57 20.64
CA GLY A 46 2.62 5.20 19.99
C GLY A 46 2.18 5.96 18.75
N VAL A 47 3.09 6.03 17.78
CA VAL A 47 2.75 6.76 16.55
C VAL A 47 1.58 6.06 15.86
N PRO A 48 0.50 6.78 15.54
CA PRO A 48 -0.65 6.13 14.92
C PRO A 48 -0.28 5.42 13.63
N SER A 49 -0.87 4.24 13.44
CA SER A 49 -0.69 3.50 12.19
C SER A 49 -0.98 4.38 10.98
N THR A 50 -2.05 5.18 11.06
CA THR A 50 -2.38 6.05 9.93
C THR A 50 -1.29 7.08 9.67
N ALA A 51 -0.56 7.50 10.71
CA ALA A 51 0.54 8.44 10.51
C ALA A 51 1.77 7.75 9.93
N ILE A 52 2.13 6.59 10.49
CA ILE A 52 3.25 5.82 9.95
C ILE A 52 3.02 5.51 8.48
N ARG A 53 1.80 5.12 8.12
CA ARG A 53 1.50 4.81 6.72
C ARG A 53 1.61 6.05 5.86
N GLU A 54 1.00 7.17 6.27
CA GLU A 54 0.99 8.35 5.42
C GLU A 54 2.40 8.86 5.17
N ILE A 55 3.22 8.91 6.21
CA ILE A 55 4.59 9.41 6.07
C ILE A 55 5.37 8.54 5.08
N SER A 56 5.42 7.23 5.34
CA SER A 56 6.18 6.33 4.47
C SER A 56 5.66 6.36 3.04
N LEU A 57 4.34 6.48 2.86
CA LEU A 57 3.80 6.52 1.51
C LEU A 57 4.20 7.80 0.80
N LEU A 58 4.05 8.95 1.46
CA LEU A 58 4.31 10.23 0.81
C LEU A 58 5.79 10.49 0.62
N LYS A 59 6.67 9.87 1.42
CA LYS A 59 8.09 10.01 1.17
C LYS A 59 8.51 9.33 -0.12
N GLU A 60 7.65 8.50 -0.72
CA GLU A 60 7.94 7.87 -2.00
C GLU A 60 6.96 8.29 -3.08
N LEU A 61 6.07 9.23 -2.80
CA LEU A 61 5.09 9.73 -3.78
C LEU A 61 5.34 11.20 -4.03
N ASN A 62 6.36 11.52 -4.81
CA ASN A 62 6.66 12.90 -5.18
C ASN A 62 6.09 13.15 -6.57
N HIS A 63 5.08 14.01 -6.64
CA HIS A 63 4.38 14.28 -7.89
C HIS A 63 3.78 15.68 -7.81
N PRO A 64 3.70 16.42 -8.92
CA PRO A 64 3.14 17.78 -8.85
C PRO A 64 1.67 17.84 -8.45
N ASN A 65 0.90 16.77 -8.59
CA ASN A 65 -0.50 16.79 -8.19
C ASN A 65 -0.74 16.00 -6.92
N ILE A 66 0.29 15.87 -6.08
CA ILE A 66 0.17 15.26 -4.76
C ILE A 66 0.79 16.23 -3.76
N VAL A 67 0.04 16.58 -2.70
CA VAL A 67 0.53 17.57 -1.75
C VAL A 67 1.79 17.03 -1.08
N LYS A 68 2.85 17.82 -1.11
CA LYS A 68 4.16 17.33 -0.71
C LYS A 68 4.31 17.25 0.80
N LEU A 69 4.88 16.15 1.27
CA LEU A 69 5.41 16.07 2.62
C LEU A 69 6.85 16.59 2.60
N LEU A 70 7.11 17.66 3.34
CA LEU A 70 8.42 18.30 3.34
C LEU A 70 9.33 17.80 4.45
N ASP A 71 8.80 17.53 5.64
CA ASP A 71 9.67 17.18 6.77
C ASP A 71 8.86 16.48 7.84
N VAL A 72 9.54 15.65 8.63
CA VAL A 72 8.96 15.01 9.81
C VAL A 72 9.84 15.38 10.99
N ILE A 73 9.28 16.09 11.97
CA ILE A 73 10.03 16.65 13.08
C ILE A 73 9.47 16.11 14.39
N HIS A 74 10.33 15.52 15.21
CA HIS A 74 9.94 14.97 16.50
C HIS A 74 10.52 15.85 17.60
N THR A 75 9.64 16.39 18.45
CA THR A 75 10.09 17.28 19.52
C THR A 75 9.03 17.38 20.60
N GLU A 76 9.44 17.19 21.85
CA GLU A 76 8.63 17.46 23.04
C GLU A 76 7.36 16.60 23.04
N ASN A 77 7.58 15.28 22.97
CA ASN A 77 6.48 14.31 22.96
C ASN A 77 5.46 14.63 21.85
N LYS A 78 5.92 15.29 20.79
CA LYS A 78 5.06 15.64 19.67
C LYS A 78 5.73 15.26 18.37
N LEU A 79 4.91 15.09 17.34
CA LEU A 79 5.36 14.77 15.99
C LEU A 79 4.73 15.77 15.04
N TYR A 80 5.57 16.52 14.33
CA TYR A 80 5.14 17.54 13.40
C TYR A 80 5.40 17.08 11.97
N LEU A 81 4.33 16.96 11.18
CA LEU A 81 4.45 16.69 9.75
C LEU A 81 4.31 18.02 9.02
N VAL A 82 5.34 18.37 8.25
CA VAL A 82 5.39 19.66 7.54
C VAL A 82 5.01 19.42 6.09
N PHE A 83 3.94 20.07 5.63
CA PHE A 83 3.41 19.86 4.29
C PHE A 83 3.47 21.15 3.48
N GLU A 84 3.51 20.98 2.15
CA GLU A 84 3.17 22.04 1.23
C GLU A 84 1.79 22.61 1.58
N PHE A 85 1.63 23.93 1.45
CA PHE A 85 0.40 24.61 1.82
C PHE A 85 -0.38 25.03 0.57
N LEU A 86 -1.68 24.77 0.56
CA LEU A 86 -2.59 25.25 -0.48
C LEU A 86 -3.81 25.87 0.19
N HIS A 87 -4.31 26.95 -0.38
CA HIS A 87 -5.19 27.87 0.35
C HIS A 87 -6.67 27.50 0.29
N GLN A 88 -7.07 26.48 -0.46
CA GLN A 88 -8.48 26.11 -0.48
C GLN A 88 -8.63 24.66 -0.95
N ASP A 89 -9.74 24.04 -0.55
CA ASP A 89 -10.09 22.73 -1.05
C ASP A 89 -11.19 22.85 -2.10
N LEU A 90 -11.35 21.78 -2.88
CA LEU A 90 -12.32 21.80 -3.97
C LEU A 90 -13.75 21.93 -3.46
N LYS A 91 -14.05 21.40 -2.26
CA LYS A 91 -15.40 21.48 -1.73
C LYS A 91 -15.85 22.92 -1.58
N LYS A 92 -15.02 23.76 -0.96
CA LYS A 92 -15.37 25.17 -0.80
C LYS A 92 -15.32 25.91 -2.13
N PHE A 93 -14.46 25.47 -3.05
CA PHE A 93 -14.46 26.08 -4.38
C PHE A 93 -15.75 25.78 -5.12
N MET A 94 -16.27 24.55 -5.00
CA MET A 94 -17.53 24.20 -5.65
C MET A 94 -18.70 24.94 -5.03
N ASP A 95 -18.69 25.13 -3.71
CA ASP A 95 -19.75 25.89 -3.06
C ASP A 95 -19.69 27.36 -3.45
N ALA A 96 -18.48 27.93 -3.50
CA ALA A 96 -18.34 29.32 -3.93
C ALA A 96 -18.75 29.50 -5.39
N SER A 97 -18.57 28.48 -6.22
CA SER A 97 -18.92 28.52 -7.62
C SER A 97 -20.35 28.04 -7.89
N ALA A 98 -21.13 27.77 -6.84
CA ALA A 98 -22.39 27.06 -7.02
C ALA A 98 -23.39 27.84 -7.88
N LEU A 99 -23.42 29.16 -7.75
CA LEU A 99 -24.40 29.92 -8.51
C LEU A 99 -23.97 30.10 -9.97
N THR A 100 -22.68 30.36 -10.20
CA THR A 100 -22.18 30.66 -11.53
C THR A 100 -21.72 29.43 -12.30
N GLY A 101 -21.34 28.36 -11.59
CA GLY A 101 -20.79 27.17 -12.22
C GLY A 101 -19.31 27.27 -12.45
N ILE A 102 -18.58 26.18 -12.27
CA ILE A 102 -17.16 26.16 -12.64
C ILE A 102 -17.04 26.12 -14.16
N PRO A 103 -16.22 26.96 -14.79
CA PRO A 103 -16.12 26.91 -16.25
C PRO A 103 -15.64 25.55 -16.72
N LEU A 104 -16.18 25.10 -17.86
CA LEU A 104 -15.86 23.77 -18.34
C LEU A 104 -14.37 23.55 -18.57
N PRO A 105 -13.59 24.49 -19.13
CA PRO A 105 -12.15 24.23 -19.27
C PRO A 105 -11.45 24.05 -17.94
N LEU A 106 -11.98 24.61 -16.86
CA LEU A 106 -11.37 24.43 -15.54
C LEU A 106 -11.75 23.09 -14.93
N ILE A 107 -12.99 22.63 -15.16
CA ILE A 107 -13.37 21.28 -14.76
C ILE A 107 -12.48 20.25 -15.45
N LYS A 108 -12.26 20.44 -16.75
CA LYS A 108 -11.44 19.52 -17.52
C LYS A 108 -9.99 19.53 -17.05
N SER A 109 -9.45 20.72 -16.76
CA SER A 109 -8.07 20.81 -16.30
C SER A 109 -7.91 20.19 -14.92
N TYR A 110 -8.88 20.43 -14.02
CA TYR A 110 -8.82 19.83 -12.68
C TYR A 110 -8.94 18.31 -12.76
N LEU A 111 -9.86 17.79 -13.58
CA LEU A 111 -10.00 16.35 -13.68
C LEU A 111 -8.74 15.72 -14.29
N PHE A 112 -8.17 16.37 -15.30
CA PHE A 112 -6.95 15.87 -15.92
C PHE A 112 -5.82 15.78 -14.93
N GLN A 113 -5.65 16.82 -14.10
CA GLN A 113 -4.61 16.78 -13.08
C GLN A 113 -4.87 15.73 -12.02
N LEU A 114 -6.14 15.58 -11.60
CA LEU A 114 -6.46 14.56 -10.61
C LEU A 114 -6.20 13.16 -11.15
N LEU A 115 -6.48 12.95 -12.43
CA LEU A 115 -6.17 11.66 -13.03
C LEU A 115 -4.66 11.46 -13.19
N GLN A 116 -3.90 12.53 -13.39
CA GLN A 116 -2.45 12.40 -13.44
C GLN A 116 -1.90 11.99 -12.07
N GLY A 117 -2.37 12.64 -11.01
CA GLY A 117 -1.92 12.26 -9.68
C GLY A 117 -2.38 10.88 -9.27
N LEU A 118 -3.60 10.50 -9.65
CA LEU A 118 -4.09 9.17 -9.32
C LEU A 118 -3.33 8.10 -10.10
N ALA A 119 -3.07 8.35 -11.38
CA ALA A 119 -2.29 7.42 -12.19
C ALA A 119 -0.90 7.21 -11.59
N PHE A 120 -0.31 8.28 -11.04
CA PHE A 120 0.99 8.15 -10.37
C PHE A 120 0.88 7.30 -9.12
N CYS A 121 -0.14 7.55 -8.28
CA CYS A 121 -0.38 6.70 -7.11
C CYS A 121 -0.53 5.24 -7.52
N HIS A 122 -1.36 4.99 -8.54
CA HIS A 122 -1.66 3.62 -8.88
C HIS A 122 -0.46 2.90 -9.49
N SER A 123 0.38 3.60 -10.26
CA SER A 123 1.57 2.96 -10.80
C SER A 123 2.57 2.66 -9.70
N HIS A 124 2.51 3.39 -8.60
CA HIS A 124 3.33 3.12 -7.42
C HIS A 124 2.64 2.16 -6.46
N ARG A 125 1.55 1.54 -6.90
CA ARG A 125 0.80 0.56 -6.12
C ARG A 125 0.31 1.15 -4.80
N VAL A 126 -0.25 2.37 -4.87
CA VAL A 126 -0.90 3.00 -3.72
C VAL A 126 -2.36 3.28 -4.05
N LEU A 127 -3.25 2.87 -3.15
CA LEU A 127 -4.66 3.27 -3.17
C LEU A 127 -4.86 4.46 -2.24
N HIS A 128 -5.58 5.47 -2.71
CA HIS A 128 -5.89 6.60 -1.83
C HIS A 128 -7.03 6.27 -0.87
N ARG A 129 -8.15 5.80 -1.40
CA ARG A 129 -9.29 5.26 -0.67
C ARG A 129 -10.06 6.32 0.14
N ASP A 130 -9.83 7.61 -0.08
CA ASP A 130 -10.64 8.62 0.60
C ASP A 130 -10.73 9.88 -0.25
N LEU A 131 -10.92 9.69 -1.55
CA LEU A 131 -11.02 10.82 -2.47
C LEU A 131 -12.39 11.44 -2.30
N LYS A 132 -12.41 12.69 -1.88
CA LYS A 132 -13.63 13.47 -1.75
C LYS A 132 -13.22 14.92 -1.94
N PRO A 133 -14.17 15.81 -2.29
CA PRO A 133 -13.76 17.18 -2.59
C PRO A 133 -13.02 17.86 -1.44
N GLN A 134 -13.30 17.49 -0.19
CA GLN A 134 -12.57 18.14 0.90
C GLN A 134 -11.11 17.74 0.96
N ASN A 135 -10.72 16.64 0.30
CA ASN A 135 -9.32 16.19 0.31
C ASN A 135 -8.56 16.61 -0.95
N LEU A 136 -9.15 17.44 -1.79
CA LEU A 136 -8.51 17.92 -3.01
C LEU A 136 -8.24 19.40 -2.84
N LEU A 137 -6.97 19.78 -2.87
CA LEU A 137 -6.58 21.15 -2.58
C LEU A 137 -6.20 21.87 -3.86
N ILE A 138 -6.46 23.17 -3.89
CA ILE A 138 -6.17 23.99 -5.06
C ILE A 138 -5.37 25.20 -4.61
N ASN A 139 -4.50 25.68 -5.51
CA ASN A 139 -3.74 26.89 -5.28
C ASN A 139 -4.24 27.98 -6.20
N THR A 140 -3.55 29.12 -6.18
CA THR A 140 -3.92 30.29 -6.97
C THR A 140 -3.28 30.28 -8.35
N GLU A 141 -2.72 29.14 -8.77
CA GLU A 141 -2.06 29.01 -10.06
C GLU A 141 -2.67 27.91 -10.92
N GLY A 142 -3.93 27.53 -10.63
CA GLY A 142 -4.64 26.57 -11.43
C GLY A 142 -4.34 25.11 -11.16
N ALA A 143 -3.57 24.81 -10.12
CA ALA A 143 -3.25 23.44 -9.78
C ALA A 143 -4.25 22.88 -8.78
N ILE A 144 -4.44 21.55 -8.84
CA ILE A 144 -5.21 20.82 -7.84
C ILE A 144 -4.42 19.57 -7.48
N LYS A 145 -4.48 19.16 -6.21
CA LYS A 145 -3.58 18.14 -5.69
C LYS A 145 -4.31 17.20 -4.74
N LEU A 146 -3.94 15.92 -4.79
CA LEU A 146 -4.43 14.94 -3.83
C LEU A 146 -3.80 15.16 -2.47
N ALA A 147 -4.63 15.09 -1.43
CA ALA A 147 -4.18 15.33 -0.07
C ALA A 147 -4.84 14.33 0.87
N ASP A 148 -4.28 14.25 2.08
CA ASP A 148 -4.73 13.39 3.16
C ASP A 148 -4.66 11.92 2.77
N PHE A 149 -3.47 11.34 2.96
CA PHE A 149 -3.20 9.95 2.67
C PHE A 149 -3.27 9.08 3.92
N GLY A 150 -3.97 9.55 4.95
CA GLY A 150 -4.06 8.78 6.19
C GLY A 150 -4.86 7.50 6.05
N LEU A 151 -5.75 7.44 5.07
CA LEU A 151 -6.53 6.24 4.80
C LEU A 151 -5.98 5.44 3.63
N ALA A 152 -4.85 5.85 3.08
CA ALA A 152 -4.28 5.21 1.92
C ALA A 152 -3.62 3.89 2.32
N ARG A 153 -3.32 3.08 1.31
CA ARG A 153 -2.66 1.81 1.54
C ARG A 153 -1.91 1.40 0.29
N ALA A 154 -0.66 0.96 0.47
CA ALA A 154 0.03 0.27 -0.61
C ALA A 154 -0.67 -1.07 -0.86
N PHE A 155 -0.78 -1.45 -2.12
CA PHE A 155 -1.32 -2.77 -2.43
C PHE A 155 -0.23 -3.63 -3.05
N GLY A 156 -0.33 -4.93 -2.78
CA GLY A 156 0.57 -5.89 -3.38
C GLY A 156 0.08 -6.35 -4.74
N VAL A 157 0.99 -6.99 -5.46
CA VAL A 157 0.70 -7.63 -6.74
C VAL A 157 0.97 -9.12 -6.60
N PRO A 158 -0.06 -9.94 -6.37
CA PRO A 158 -1.49 -9.60 -6.25
C PRO A 158 -1.86 -9.07 -4.87
N VAL A 159 -3.03 -8.45 -4.75
CA VAL A 159 -3.50 -7.94 -3.47
C VAL A 159 -3.94 -9.10 -2.59
N ARG A 160 -4.11 -8.83 -1.31
CA ARG A 160 -4.92 -9.69 -0.45
C ARG A 160 -6.08 -8.85 0.06
N THR A 161 -6.87 -9.44 0.97
CA THR A 161 -8.01 -8.74 1.53
C THR A 161 -7.56 -7.58 2.42
N TYR A 162 -8.10 -6.40 2.17
CA TYR A 162 -7.72 -5.21 2.92
C TYR A 162 -8.90 -4.71 3.77
N TPO A 163 -8.75 -3.55 4.40
CA TPO A 163 -9.79 -3.02 5.29
CB TPO A 163 -9.36 -1.68 5.97
CG2 TPO A 163 -10.47 -1.11 6.84
OG1 TPO A 163 -8.20 -1.89 6.74
P TPO A 163 -6.67 -1.35 6.14
O1P TPO A 163 -5.72 -2.06 7.10
O2P TPO A 163 -6.61 -1.84 4.69
O3P TPO A 163 -6.70 0.17 6.26
C TPO A 163 -11.09 -2.82 4.52
O TPO A 163 -11.09 -2.25 3.44
N HIS A 164 -12.19 -3.31 5.08
CA HIS A 164 -13.53 -3.15 4.51
C HIS A 164 -14.15 -1.79 4.83
N GLU A 165 -15.16 -1.41 4.06
CA GLU A 165 -15.98 -0.21 4.33
C GLU A 165 -15.14 1.06 4.37
N VAL A 166 -14.16 1.14 3.46
CA VAL A 166 -13.34 2.33 3.25
C VAL A 166 -14.10 3.33 2.41
N VAL A 167 -13.54 4.54 2.26
CA VAL A 167 -14.08 5.63 1.44
C VAL A 167 -15.31 6.24 2.09
N THR A 168 -15.36 7.56 2.16
CA THR A 168 -16.54 8.29 2.62
C THR A 168 -17.76 7.90 1.80
N LEU A 169 -18.92 7.89 2.46
CA LEU A 169 -20.10 7.19 1.95
C LEU A 169 -20.51 7.66 0.55
N TRP A 170 -20.60 8.98 0.35
CA TRP A 170 -21.08 9.49 -0.94
C TRP A 170 -20.16 9.13 -2.10
N TYR A 171 -18.90 8.84 -1.82
CA TYR A 171 -17.91 8.56 -2.86
C TYR A 171 -17.51 7.09 -2.90
N ARG A 172 -18.26 6.23 -2.22
CA ARG A 172 -17.88 4.83 -2.03
C ARG A 172 -18.43 3.99 -3.18
N ALA A 173 -17.54 3.18 -3.76
CA ALA A 173 -17.89 2.38 -4.93
C ALA A 173 -18.90 1.29 -4.59
N PRO A 174 -19.73 0.88 -5.55
CA PRO A 174 -20.72 -0.16 -5.27
C PRO A 174 -20.12 -1.49 -4.86
N GLU A 175 -18.91 -1.83 -5.32
CA GLU A 175 -18.34 -3.12 -4.94
C GLU A 175 -18.01 -3.15 -3.45
N ILE A 176 -17.61 -2.01 -2.89
CA ILE A 176 -17.43 -1.92 -1.45
C ILE A 176 -18.76 -2.06 -0.72
N LEU A 177 -19.79 -1.34 -1.19
CA LEU A 177 -21.09 -1.40 -0.54
C LEU A 177 -21.69 -2.80 -0.59
N LEU A 178 -21.33 -3.60 -1.61
CA LEU A 178 -21.84 -4.95 -1.74
C LEU A 178 -20.93 -5.99 -1.08
N GLY A 179 -19.84 -5.58 -0.46
CA GLY A 179 -19.04 -6.47 0.37
C GLY A 179 -18.00 -7.30 -0.36
N CYS A 180 -17.38 -6.76 -1.40
CA CYS A 180 -16.39 -7.51 -2.15
C CYS A 180 -15.22 -7.93 -1.26
N LYS A 181 -14.64 -9.10 -1.57
CA LYS A 181 -13.54 -9.60 -0.77
C LYS A 181 -12.22 -8.91 -1.13
N TYR A 182 -12.00 -8.60 -2.41
CA TYR A 182 -10.78 -7.95 -2.87
C TYR A 182 -11.13 -6.67 -3.60
N TYR A 183 -10.25 -5.67 -3.46
CA TYR A 183 -10.40 -4.46 -4.25
C TYR A 183 -9.04 -3.84 -4.47
N SER A 184 -8.96 -2.97 -5.47
CA SER A 184 -7.75 -2.18 -5.68
C SER A 184 -8.10 -0.83 -6.29
N THR A 185 -7.51 -0.52 -7.45
CA THR A 185 -7.49 0.85 -7.97
C THR A 185 -8.86 1.35 -8.41
N ALA A 186 -9.81 0.48 -8.72
CA ALA A 186 -11.09 0.93 -9.25
C ALA A 186 -11.89 1.76 -8.26
N VAL A 187 -11.64 1.61 -6.95
CA VAL A 187 -12.43 2.37 -5.97
C VAL A 187 -12.10 3.85 -6.06
N ASP A 188 -10.84 4.20 -6.33
CA ASP A 188 -10.46 5.61 -6.49
C ASP A 188 -11.05 6.22 -7.75
N ILE A 189 -11.13 5.46 -8.84
CA ILE A 189 -11.70 5.98 -10.08
C ILE A 189 -13.19 6.27 -9.90
N TRP A 190 -13.92 5.39 -9.20
CA TRP A 190 -15.33 5.66 -8.93
C TRP A 190 -15.50 6.97 -8.18
N SER A 191 -14.69 7.17 -7.13
CA SER A 191 -14.75 8.43 -6.38
C SER A 191 -14.50 9.61 -7.30
N LEU A 192 -13.52 9.49 -8.20
CA LEU A 192 -13.21 10.61 -9.08
C LEU A 192 -14.34 10.88 -10.07
N GLY A 193 -15.04 9.83 -10.48
CA GLY A 193 -16.19 10.03 -11.36
C GLY A 193 -17.34 10.71 -10.64
N CYS A 194 -17.57 10.34 -9.37
CA CYS A 194 -18.53 11.06 -8.55
C CYS A 194 -18.15 12.54 -8.46
N ILE A 195 -16.86 12.82 -8.31
CA ILE A 195 -16.40 14.20 -8.14
C ILE A 195 -16.51 14.96 -9.46
N PHE A 196 -16.19 14.29 -10.57
CA PHE A 196 -16.37 14.87 -11.90
C PHE A 196 -17.79 15.36 -12.10
N ALA A 197 -18.77 14.48 -11.87
CA ALA A 197 -20.17 14.88 -12.02
C ALA A 197 -20.55 15.99 -11.04
N GLU A 198 -19.94 15.99 -9.85
CA GLU A 198 -20.25 17.03 -8.87
C GLU A 198 -19.73 18.39 -9.32
N MET A 199 -18.57 18.45 -9.96
CA MET A 199 -18.13 19.72 -10.54
C MET A 199 -19.07 20.20 -11.63
N VAL A 200 -19.68 19.26 -12.37
CA VAL A 200 -20.52 19.64 -13.50
C VAL A 200 -21.87 20.14 -13.05
N THR A 201 -22.48 19.47 -12.06
CA THR A 201 -23.83 19.78 -11.62
C THR A 201 -23.88 20.64 -10.37
N ARG A 202 -22.75 20.84 -9.70
CA ARG A 202 -22.65 21.52 -8.41
C ARG A 202 -23.47 20.84 -7.31
N ARG A 203 -23.87 19.59 -7.53
CA ARG A 203 -24.58 18.79 -6.53
C ARG A 203 -23.86 17.44 -6.42
N ALA A 204 -23.84 16.89 -5.21
CA ALA A 204 -23.33 15.53 -5.05
C ALA A 204 -24.14 14.57 -5.92
N LEU A 205 -23.45 13.65 -6.58
CA LEU A 205 -24.14 12.73 -7.48
C LEU A 205 -24.98 11.71 -6.71
N PHE A 206 -24.43 11.17 -5.63
CA PHE A 206 -25.06 10.09 -4.86
C PHE A 206 -25.00 10.43 -3.38
N PRO A 207 -25.87 11.31 -2.89
CA PRO A 207 -25.76 11.75 -1.48
C PRO A 207 -26.54 10.87 -0.51
N GLY A 208 -26.06 9.64 -0.28
CA GLY A 208 -26.80 8.72 0.57
C GLY A 208 -26.57 8.98 2.05
N ASP A 209 -27.52 8.53 2.87
CA ASP A 209 -27.42 8.65 4.32
C ASP A 209 -27.25 7.30 5.02
N SER A 210 -27.18 6.21 4.27
CA SER A 210 -26.91 4.89 4.83
C SER A 210 -26.30 4.06 3.71
N GLU A 211 -25.81 2.88 4.06
CA GLU A 211 -25.20 2.03 3.03
C GLU A 211 -26.24 1.56 2.02
N ILE A 212 -27.44 1.22 2.49
CA ILE A 212 -28.47 0.74 1.56
C ILE A 212 -29.07 1.91 0.77
N ASP A 213 -29.21 3.08 1.39
CA ASP A 213 -29.67 4.26 0.66
C ASP A 213 -28.66 4.70 -0.39
N GLN A 214 -27.37 4.59 -0.07
CA GLN A 214 -26.31 4.91 -1.03
C GLN A 214 -26.37 3.99 -2.23
N LEU A 215 -26.49 2.69 -1.97
CA LEU A 215 -26.54 1.71 -3.06
C LEU A 215 -27.79 1.90 -3.92
N PHE A 216 -28.92 2.24 -3.30
CA PHE A 216 -30.13 2.44 -4.09
C PHE A 216 -30.07 3.73 -4.90
N ARG A 217 -29.39 4.77 -4.38
CA ARG A 217 -29.22 5.98 -5.16
C ARG A 217 -28.39 5.72 -6.40
N ILE A 218 -27.35 4.89 -6.28
CA ILE A 218 -26.58 4.46 -7.44
C ILE A 218 -27.46 3.68 -8.41
N PHE A 219 -28.25 2.73 -7.88
CA PHE A 219 -29.09 1.90 -8.74
C PHE A 219 -30.11 2.72 -9.50
N ARG A 220 -30.66 3.75 -8.86
CA ARG A 220 -31.70 4.55 -9.52
C ARG A 220 -31.14 5.37 -10.67
N THR A 221 -29.84 5.65 -10.64
CA THR A 221 -29.21 6.48 -11.66
C THR A 221 -28.57 5.63 -12.75
N LEU A 222 -27.87 4.58 -12.38
CA LEU A 222 -27.12 3.74 -13.30
C LEU A 222 -27.85 2.44 -13.64
N GLY A 223 -29.05 2.23 -13.10
CA GLY A 223 -29.76 0.98 -13.30
C GLY A 223 -29.35 -0.08 -12.29
N THR A 224 -30.27 -0.93 -11.90
CA THR A 224 -29.92 -2.04 -11.02
C THR A 224 -29.04 -3.03 -11.76
N PRO A 225 -27.82 -3.27 -11.32
CA PRO A 225 -26.91 -4.12 -12.09
C PRO A 225 -27.35 -5.58 -12.05
N ASP A 226 -26.93 -6.32 -13.08
CA ASP A 226 -27.20 -7.75 -13.17
C ASP A 226 -25.94 -8.46 -13.65
N GLU A 227 -26.04 -9.78 -13.83
CA GLU A 227 -24.88 -10.59 -14.17
C GLU A 227 -24.28 -10.22 -15.52
N VAL A 228 -25.11 -9.72 -16.44
CA VAL A 228 -24.59 -9.36 -17.76
C VAL A 228 -23.69 -8.14 -17.66
N VAL A 229 -24.13 -7.10 -16.94
CA VAL A 229 -23.30 -5.90 -16.86
C VAL A 229 -22.23 -6.01 -15.80
N TRP A 230 -22.38 -6.93 -14.83
CA TRP A 230 -21.43 -7.05 -13.72
C TRP A 230 -21.37 -8.50 -13.32
N PRO A 231 -20.54 -9.30 -13.99
CA PRO A 231 -20.46 -10.73 -13.67
C PRO A 231 -20.03 -10.95 -12.23
N GLY A 232 -20.82 -11.74 -11.52
CA GLY A 232 -20.58 -12.03 -10.13
C GLY A 232 -21.37 -11.18 -9.15
N VAL A 233 -22.12 -10.20 -9.63
CA VAL A 233 -22.81 -9.27 -8.73
C VAL A 233 -23.83 -10.01 -7.87
N THR A 234 -24.53 -11.00 -8.45
CA THR A 234 -25.57 -11.68 -7.69
C THR A 234 -25.01 -12.65 -6.67
N SER A 235 -23.71 -12.89 -6.68
CA SER A 235 -23.06 -13.76 -5.70
C SER A 235 -22.35 -12.98 -4.61
N MET A 236 -22.52 -11.67 -4.57
CA MET A 236 -21.78 -10.88 -3.61
C MET A 236 -22.45 -10.89 -2.24
N PRO A 237 -21.68 -10.74 -1.16
CA PRO A 237 -22.24 -10.98 0.18
C PRO A 237 -23.45 -10.13 0.52
N ASP A 238 -23.49 -8.87 0.08
CA ASP A 238 -24.58 -7.98 0.43
C ASP A 238 -25.58 -7.80 -0.71
N TYR A 239 -25.46 -8.57 -1.78
CA TYR A 239 -26.47 -8.52 -2.83
C TYR A 239 -27.73 -9.23 -2.38
N LYS A 240 -28.88 -8.69 -2.77
CA LYS A 240 -30.16 -9.32 -2.49
C LYS A 240 -30.96 -9.41 -3.79
N PRO A 241 -31.62 -10.55 -4.04
CA PRO A 241 -32.58 -10.60 -5.15
C PRO A 241 -33.73 -9.62 -4.99
N SER A 242 -33.99 -9.16 -3.78
CA SER A 242 -35.09 -8.24 -3.50
C SER A 242 -34.79 -6.80 -3.87
N PHE A 243 -33.57 -6.49 -4.32
CA PHE A 243 -33.27 -5.13 -4.76
C PHE A 243 -34.25 -4.73 -5.85
N PRO A 244 -34.85 -3.55 -5.76
CA PRO A 244 -35.77 -3.11 -6.82
C PRO A 244 -35.02 -2.91 -8.13
N LYS A 245 -35.74 -3.11 -9.23
CA LYS A 245 -35.18 -2.96 -10.57
C LYS A 245 -35.48 -1.55 -11.06
N TRP A 246 -34.47 -0.69 -11.05
CA TRP A 246 -34.57 0.62 -11.67
C TRP A 246 -33.90 0.59 -13.04
N ALA A 247 -34.40 1.41 -13.94
CA ALA A 247 -33.85 1.52 -15.28
C ALA A 247 -32.77 2.58 -15.32
N ARG A 248 -31.69 2.30 -16.05
CA ARG A 248 -30.60 3.26 -16.17
C ARG A 248 -31.10 4.55 -16.81
N GLN A 249 -30.65 5.68 -16.27
CA GLN A 249 -31.08 6.99 -16.74
C GLN A 249 -30.12 7.53 -17.79
N ASP A 250 -30.67 8.28 -18.74
CA ASP A 250 -29.88 8.89 -19.80
C ASP A 250 -28.97 9.97 -19.20
N PHE A 251 -27.69 9.93 -19.56
CA PHE A 251 -26.73 10.87 -19.00
C PHE A 251 -26.94 12.31 -19.47
N SER A 252 -27.76 12.52 -20.50
CA SER A 252 -28.14 13.88 -20.86
C SER A 252 -29.00 14.53 -19.78
N LYS A 253 -29.61 13.72 -18.90
CA LYS A 253 -30.33 14.24 -17.75
C LYS A 253 -29.53 14.17 -16.46
N VAL A 254 -28.61 13.20 -16.35
CA VAL A 254 -27.77 13.11 -15.16
C VAL A 254 -26.76 14.27 -15.14
N VAL A 255 -26.09 14.49 -16.26
CA VAL A 255 -25.14 15.59 -16.39
C VAL A 255 -25.50 16.40 -17.63
N PRO A 256 -26.49 17.29 -17.54
CA PRO A 256 -26.93 18.06 -18.71
C PRO A 256 -25.80 18.84 -19.36
N PRO A 257 -24.97 19.60 -18.59
CA PRO A 257 -23.97 20.43 -19.27
C PRO A 257 -22.91 19.65 -20.03
N LEU A 258 -22.74 18.37 -19.74
CA LEU A 258 -21.62 17.62 -20.29
C LEU A 258 -21.87 17.24 -21.74
N ASP A 259 -20.84 17.41 -22.57
CA ASP A 259 -20.91 17.08 -23.98
C ASP A 259 -20.73 15.57 -24.16
N GLU A 260 -20.59 15.13 -25.40
CA GLU A 260 -20.58 13.70 -25.70
C GLU A 260 -19.32 13.03 -25.16
N ASP A 261 -18.15 13.64 -25.35
CA ASP A 261 -16.93 13.04 -24.83
C ASP A 261 -16.94 13.00 -23.31
N GLY A 262 -17.51 14.01 -22.67
CA GLY A 262 -17.60 14.01 -21.21
C GLY A 262 -18.53 12.93 -20.70
N ARG A 263 -19.69 12.77 -21.35
CA ARG A 263 -20.63 11.72 -20.98
C ARG A 263 -20.00 10.34 -21.13
N SER A 264 -19.21 10.15 -22.18
CA SER A 264 -18.55 8.86 -22.38
C SER A 264 -17.53 8.58 -21.29
N LEU A 265 -16.67 9.56 -20.99
CA LEU A 265 -15.66 9.36 -19.96
C LEU A 265 -16.29 9.07 -18.61
N LEU A 266 -17.33 9.85 -18.25
CA LEU A 266 -18.01 9.63 -16.97
C LEU A 266 -18.61 8.23 -16.91
N SER A 267 -19.24 7.77 -17.99
CA SER A 267 -19.83 6.43 -18.01
C SER A 267 -18.78 5.37 -17.70
N GLN A 268 -17.57 5.52 -18.24
CA GLN A 268 -16.53 4.51 -18.07
C GLN A 268 -15.91 4.58 -16.68
N MET A 269 -15.92 5.74 -16.04
CA MET A 269 -15.49 5.86 -14.65
C MET A 269 -16.53 5.34 -13.66
N LEU A 270 -17.79 5.24 -14.08
CA LEU A 270 -18.85 4.72 -13.22
C LEU A 270 -19.36 3.37 -13.70
N HIS A 271 -18.58 2.64 -14.50
CA HIS A 271 -18.90 1.25 -14.80
C HIS A 271 -19.06 0.46 -13.51
N TYR A 272 -20.09 -0.40 -13.47
CA TYR A 272 -20.33 -1.22 -12.28
C TYR A 272 -19.19 -2.20 -12.04
N ASP A 273 -18.79 -2.91 -13.08
CA ASP A 273 -17.76 -3.93 -12.98
C ASP A 273 -16.41 -3.29 -12.70
N PRO A 274 -15.80 -3.51 -11.53
CA PRO A 274 -14.48 -2.91 -11.26
C PRO A 274 -13.41 -3.34 -12.23
N ASN A 275 -13.55 -4.52 -12.85
CA ASN A 275 -12.59 -4.98 -13.85
C ASN A 275 -12.74 -4.27 -15.18
N LYS A 276 -13.92 -3.71 -15.47
CA LYS A 276 -14.12 -2.98 -16.72
C LYS A 276 -14.02 -1.48 -16.54
N ARG A 277 -14.08 -0.99 -15.31
CA ARG A 277 -14.03 0.45 -15.06
C ARG A 277 -12.71 1.01 -15.56
N ILE A 278 -12.76 2.16 -16.23
CA ILE A 278 -11.58 2.71 -16.87
C ILE A 278 -10.52 3.00 -15.82
N SER A 279 -9.25 2.86 -16.22
CA SER A 279 -8.15 3.15 -15.32
C SER A 279 -7.76 4.63 -15.43
N ALA A 280 -7.02 5.11 -14.43
CA ALA A 280 -6.56 6.50 -14.46
C ALA A 280 -5.71 6.77 -15.70
N LYS A 281 -4.83 5.83 -16.05
CA LYS A 281 -3.98 6.00 -17.22
C LYS A 281 -4.81 6.06 -18.50
N ALA A 282 -5.76 5.13 -18.66
CA ALA A 282 -6.58 5.14 -19.87
C ALA A 282 -7.46 6.38 -19.94
N ALA A 283 -7.94 6.87 -18.80
CA ALA A 283 -8.78 8.07 -18.81
C ALA A 283 -8.02 9.27 -19.34
N LEU A 284 -6.72 9.36 -19.03
CA LEU A 284 -5.92 10.45 -19.58
C LEU A 284 -5.88 10.44 -21.10
N ALA A 285 -6.02 9.25 -21.71
CA ALA A 285 -6.02 9.12 -23.17
C ALA A 285 -7.40 9.34 -23.79
N HIS A 286 -8.41 9.61 -22.98
CA HIS A 286 -9.77 9.77 -23.49
C HIS A 286 -9.86 11.04 -24.34
N PRO A 287 -10.66 11.03 -25.42
CA PRO A 287 -10.79 12.23 -26.26
C PRO A 287 -11.38 13.44 -25.54
N PHE A 288 -11.89 13.28 -24.31
CA PHE A 288 -12.32 14.45 -23.55
C PHE A 288 -11.14 15.39 -23.27
N PHE A 289 -9.92 14.85 -23.24
CA PHE A 289 -8.71 15.65 -23.02
C PHE A 289 -7.88 15.79 -24.29
N GLN A 290 -8.43 15.44 -25.46
CA GLN A 290 -7.64 15.45 -26.70
C GLN A 290 -7.07 16.82 -27.02
N ASP A 291 -7.69 17.88 -26.52
CA ASP A 291 -7.17 19.23 -26.68
C ASP A 291 -6.18 19.63 -25.60
N VAL A 292 -6.33 19.09 -24.38
CA VAL A 292 -5.42 19.42 -23.29
C VAL A 292 -4.07 18.74 -23.46
N THR A 293 -4.05 17.51 -23.98
CA THR A 293 -2.83 16.73 -24.09
C THR A 293 -2.68 16.17 -25.51
N LYS A 294 -1.43 15.91 -25.88
CA LYS A 294 -1.11 15.20 -27.11
C LYS A 294 -0.41 13.90 -26.78
N PRO A 295 -0.68 12.83 -27.52
CA PRO A 295 -0.08 11.54 -27.18
C PRO A 295 1.40 11.52 -27.52
N VAL A 296 2.15 10.72 -26.75
CA VAL A 296 3.57 10.53 -26.98
C VAL A 296 3.75 9.29 -27.83
N PRO A 297 4.78 9.22 -28.68
CA PRO A 297 4.97 8.00 -29.49
C PRO A 297 5.32 6.82 -28.60
N HIS A 298 4.83 5.65 -28.98
CA HIS A 298 4.98 4.44 -28.19
C HIS A 298 5.84 3.44 -28.94
N LEU A 299 6.97 3.06 -28.33
CA LEU A 299 7.77 1.98 -28.87
C LEU A 299 7.02 0.66 -28.74
N ARG A 300 7.21 -0.22 -29.72
CA ARG A 300 6.60 -1.55 -29.73
C ARG A 300 7.73 -2.57 -29.73
N LEU A 301 8.22 -2.91 -28.53
CA LEU A 301 9.28 -3.87 -28.38
C LEU A 301 9.06 -4.77 -27.17
N GLY B 9 14.50 -8.20 -17.59
CA GLY B 9 13.19 -8.16 -18.23
C GLY B 9 12.05 -8.19 -17.24
N SER B 10 10.83 -7.84 -17.70
CA SER B 10 9.67 -7.81 -16.81
C SER B 10 8.79 -9.03 -17.03
N PRO B 11 8.41 -9.74 -15.97
CA PRO B 11 7.50 -10.88 -16.12
C PRO B 11 6.02 -10.51 -16.04
N LEU B 12 5.69 -9.27 -15.69
CA LEU B 12 4.29 -8.89 -15.55
C LEU B 12 3.60 -8.88 -16.91
N PRO B 13 2.33 -9.26 -16.97
CA PRO B 13 1.57 -9.12 -18.22
C PRO B 13 1.17 -7.67 -18.43
N VAL B 14 0.47 -7.41 -19.53
CA VAL B 14 -0.08 -6.08 -19.76
C VAL B 14 -1.04 -5.73 -18.64
N LEU B 15 -0.92 -4.51 -18.12
CA LEU B 15 -1.71 -4.06 -17.00
C LEU B 15 -2.72 -3.03 -17.47
N SER B 16 -4.00 -3.25 -17.15
CA SER B 16 -5.03 -2.28 -17.50
C SER B 16 -4.84 -0.96 -16.76
N TRP B 17 -4.20 -0.98 -15.60
CA TRP B 17 -4.12 0.18 -14.72
C TRP B 17 -2.78 0.90 -14.77
N ALA B 18 -1.83 0.46 -15.58
CA ALA B 18 -0.59 1.20 -15.75
C ALA B 18 0.25 0.51 -16.82
N ASN B 19 1.28 1.21 -17.28
CA ASN B 19 2.29 0.57 -18.13
C ASN B 19 2.98 -0.52 -17.34
N ARG B 20 2.89 -1.75 -17.83
CA ARG B 20 3.51 -2.88 -17.14
C ARG B 20 4.99 -2.64 -16.88
N GLU B 21 5.70 -2.09 -17.86
CA GLU B 21 7.11 -1.78 -17.67
C GLU B 21 7.30 -0.68 -16.65
N GLU B 22 6.35 0.24 -16.53
CA GLU B 22 6.45 1.31 -15.54
C GLU B 22 6.33 0.75 -14.13
N VAL B 23 5.28 -0.04 -13.87
CA VAL B 23 5.06 -0.61 -12.55
C VAL B 23 6.27 -1.43 -12.11
N TRP B 24 6.75 -2.31 -12.99
CA TRP B 24 7.89 -3.16 -12.67
C TRP B 24 9.13 -2.32 -12.41
N LYS B 25 9.35 -1.28 -13.22
CA LYS B 25 10.54 -0.46 -13.04
C LYS B 25 10.49 0.34 -11.74
N ILE B 26 9.30 0.81 -11.35
CA ILE B 26 9.17 1.43 -10.03
C ILE B 26 9.54 0.42 -8.94
N MET B 27 9.04 -0.81 -9.07
CA MET B 27 9.39 -1.86 -8.11
C MET B 27 10.90 -2.12 -8.11
N LEU B 28 11.51 -2.19 -9.29
CA LEU B 28 12.95 -2.39 -9.37
C LEU B 28 13.70 -1.20 -8.79
N ASN B 29 13.29 0.02 -9.17
CA ASN B 29 13.96 1.23 -8.67
C ASN B 29 13.81 1.35 -7.16
N LYS B 30 12.74 0.78 -6.61
CA LYS B 30 12.54 0.74 -5.17
C LYS B 30 13.73 0.09 -4.47
N GLU B 31 14.20 -1.03 -5.02
CA GLU B 31 15.31 -1.77 -4.42
C GLU B 31 16.65 -1.07 -4.54
N LYS B 32 16.71 0.12 -5.14
CA LYS B 32 17.91 0.95 -5.07
C LYS B 32 17.85 1.93 -3.92
N THR B 33 16.66 2.42 -3.58
CA THR B 33 16.50 3.23 -2.39
C THR B 33 16.74 2.43 -1.12
N TYR B 34 16.47 1.12 -1.16
CA TYR B 34 16.51 0.26 0.02
C TYR B 34 17.79 -0.57 -0.03
N LEU B 35 18.81 -0.11 0.68
CA LEU B 35 20.12 -0.74 0.70
C LEU B 35 20.20 -1.78 1.80
N ARG B 36 20.99 -2.83 1.56
CA ARG B 36 21.29 -3.81 2.59
C ARG B 36 22.79 -4.11 2.56
N ASP B 37 23.28 -4.58 3.71
CA ASP B 37 24.72 -4.79 3.93
C ASP B 37 24.89 -6.11 4.65
N GLN B 38 25.38 -7.13 3.95
CA GLN B 38 25.56 -8.44 4.55
C GLN B 38 26.60 -8.43 5.67
N HIS B 39 27.36 -7.36 5.81
CA HIS B 39 28.44 -7.27 6.79
C HIS B 39 28.21 -6.13 7.79
N PHE B 40 26.94 -5.76 8.03
CA PHE B 40 26.68 -4.64 8.94
C PHE B 40 27.03 -5.00 10.38
N LEU B 41 27.16 -6.28 10.71
CA LEU B 41 27.56 -6.66 12.05
C LEU B 41 29.01 -6.35 12.35
N GLU B 42 29.82 -6.05 11.33
CA GLU B 42 31.17 -5.55 11.58
C GLU B 42 31.16 -4.15 12.18
N GLN B 43 30.02 -3.44 12.09
CA GLN B 43 29.83 -2.19 12.79
C GLN B 43 29.51 -2.37 14.27
N HIS B 44 29.30 -3.62 14.70
CA HIS B 44 28.96 -3.96 16.08
C HIS B 44 29.83 -5.14 16.48
N PRO B 45 31.08 -4.89 16.88
CA PRO B 45 32.02 -5.99 17.09
C PRO B 45 31.61 -6.96 18.20
N LEU B 46 30.75 -6.54 19.13
CA LEU B 46 30.32 -7.40 20.22
C LEU B 46 29.15 -8.29 19.84
N LEU B 47 28.68 -8.26 18.59
CA LEU B 47 27.59 -9.10 18.13
C LEU B 47 28.11 -10.19 17.19
N GLN B 48 27.44 -11.34 17.22
CA GLN B 48 27.71 -12.46 16.35
C GLN B 48 26.57 -12.65 15.35
N PRO B 49 26.83 -13.28 14.21
CA PRO B 49 25.73 -13.55 13.26
C PRO B 49 24.68 -14.49 13.82
N LYS B 50 25.04 -15.37 14.76
CA LYS B 50 24.07 -16.30 15.33
C LYS B 50 22.98 -15.57 16.13
N MET B 51 23.35 -14.49 16.82
CA MET B 51 22.36 -13.75 17.60
C MET B 51 21.25 -13.21 16.72
N ARG B 52 21.59 -12.75 15.52
CA ARG B 52 20.56 -12.29 14.58
C ARG B 52 19.62 -13.42 14.22
N ALA B 53 20.15 -14.63 14.01
CA ALA B 53 19.30 -15.76 13.64
C ALA B 53 18.35 -16.13 14.75
N ILE B 54 18.83 -16.11 16.00
CA ILE B 54 17.98 -16.44 17.15
C ILE B 54 16.91 -15.38 17.35
N LEU B 55 17.27 -14.11 17.14
CA LEU B 55 16.28 -13.03 17.27
C LEU B 55 15.21 -13.14 16.20
N LEU B 56 15.62 -13.27 14.94
CA LEU B 56 14.64 -13.39 13.86
C LEU B 56 13.75 -14.60 14.08
N ASP B 57 14.33 -15.72 14.48
CA ASP B 57 13.55 -16.93 14.75
C ASP B 57 12.53 -16.69 15.87
N TRP B 58 12.92 -15.94 16.89
CA TRP B 58 11.98 -15.61 17.96
C TRP B 58 10.83 -14.76 17.44
N LEU B 59 11.15 -13.76 16.61
CA LEU B 59 10.10 -12.93 16.02
C LEU B 59 9.14 -13.78 15.19
N MET B 60 9.64 -14.82 14.53
CA MET B 60 8.76 -15.69 13.75
C MET B 60 7.76 -16.42 14.64
N GLU B 61 8.22 -16.94 15.77
CA GLU B 61 7.30 -17.56 16.72
C GLU B 61 6.27 -16.56 17.22
N VAL B 62 6.69 -15.34 17.52
CA VAL B 62 5.78 -14.30 17.98
C VAL B 62 4.69 -14.05 16.94
N CYS B 63 5.07 -14.03 15.65
CA CYS B 63 4.09 -13.78 14.60
C CYS B 63 3.05 -14.88 14.54
N GLU B 64 3.46 -16.13 14.68
CA GLU B 64 2.48 -17.22 14.56
C GLU B 64 1.52 -17.21 15.74
N VAL B 65 2.00 -16.88 16.94
CA VAL B 65 1.15 -16.84 18.12
C VAL B 65 0.00 -15.86 17.93
N TYR B 66 0.29 -14.67 17.40
CA TYR B 66 -0.74 -13.67 17.16
C TYR B 66 -1.26 -13.69 15.73
N LYS B 67 -0.91 -14.73 14.95
CA LYS B 67 -1.43 -14.92 13.61
C LYS B 67 -1.14 -13.71 12.72
N LEU B 68 0.05 -13.14 12.87
CA LEU B 68 0.49 -12.03 12.03
C LEU B 68 0.98 -12.56 10.67
N HIS B 69 0.85 -11.72 9.65
CA HIS B 69 1.17 -12.14 8.30
C HIS B 69 2.67 -12.27 8.09
N ARG B 70 3.03 -13.14 7.15
CA ARG B 70 4.43 -13.28 6.75
C ARG B 70 5.02 -11.94 6.37
N GLU B 71 4.24 -11.10 5.69
CA GLU B 71 4.70 -9.76 5.30
C GLU B 71 5.08 -8.95 6.53
N THR B 72 4.34 -9.11 7.63
CA THR B 72 4.69 -8.38 8.84
C THR B 72 6.04 -8.83 9.39
N PHE B 73 6.31 -10.14 9.36
CA PHE B 73 7.60 -10.61 9.86
C PHE B 73 8.74 -10.07 9.03
N TYR B 74 8.60 -10.10 7.70
CA TYR B 74 9.70 -9.70 6.84
C TYR B 74 9.92 -8.19 6.85
N LEU B 75 8.87 -7.40 7.06
CA LEU B 75 9.07 -5.98 7.34
C LEU B 75 9.90 -5.78 8.60
N ALA B 76 9.58 -6.54 9.66
CA ALA B 76 10.35 -6.43 10.89
C ALA B 76 11.80 -6.85 10.68
N GLN B 77 12.02 -7.88 9.87
CA GLN B 77 13.38 -8.30 9.54
C GLN B 77 14.12 -7.19 8.80
N ASP B 78 13.46 -6.58 7.80
CA ASP B 78 14.10 -5.54 7.01
C ASP B 78 14.35 -4.28 7.83
N PHE B 79 13.39 -3.88 8.67
CA PHE B 79 13.60 -2.74 9.54
C PHE B 79 14.79 -2.98 10.47
N PHE B 80 14.91 -4.20 10.98
CA PHE B 80 16.01 -4.53 11.88
C PHE B 80 17.36 -4.39 11.19
N ASP B 81 17.50 -5.05 10.03
CA ASP B 81 18.78 -5.04 9.33
C ASP B 81 19.18 -3.64 8.90
N ARG B 82 18.23 -2.86 8.36
CA ARG B 82 18.58 -1.54 7.88
C ARG B 82 18.89 -0.59 9.04
N TYR B 83 18.18 -0.72 10.15
CA TYR B 83 18.46 0.14 11.30
C TYR B 83 19.83 -0.15 11.88
N MET B 84 20.22 -1.42 11.93
CA MET B 84 21.54 -1.78 12.43
C MET B 84 22.64 -1.21 11.54
N ALA B 85 22.41 -1.14 10.22
CA ALA B 85 23.40 -0.56 9.31
C ALA B 85 23.64 0.91 9.59
N THR B 86 22.71 1.60 10.27
CA THR B 86 22.88 3.00 10.63
C THR B 86 23.46 3.19 12.03
N GLN B 87 23.53 2.13 12.83
CA GLN B 87 23.97 2.23 14.21
C GLN B 87 25.35 1.61 14.38
N GLU B 88 25.89 1.73 15.60
CA GLU B 88 27.20 1.20 15.94
C GLU B 88 27.19 0.73 17.39
N ASN B 89 27.95 -0.33 17.66
CA ASN B 89 28.24 -0.81 19.02
C ASN B 89 26.95 -1.07 19.81
N VAL B 90 26.26 -2.14 19.41
CA VAL B 90 25.05 -2.59 20.10
C VAL B 90 25.39 -3.88 20.84
N VAL B 91 24.69 -4.11 21.96
CA VAL B 91 24.95 -5.24 22.82
C VAL B 91 23.78 -6.23 22.73
N LYS B 92 23.97 -7.41 23.34
CA LYS B 92 22.96 -8.46 23.31
C LYS B 92 21.62 -7.99 23.84
N THR B 93 21.61 -7.38 25.03
CA THR B 93 20.36 -7.10 25.72
C THR B 93 19.50 -6.06 24.99
N LEU B 94 20.10 -5.27 24.10
CA LEU B 94 19.34 -4.32 23.31
C LEU B 94 18.69 -4.95 22.09
N LEU B 95 19.06 -6.20 21.76
CA LEU B 95 18.55 -6.83 20.54
C LEU B 95 17.05 -7.11 20.65
N GLN B 96 16.61 -7.66 21.78
CA GLN B 96 15.19 -7.99 21.91
C GLN B 96 14.31 -6.76 21.80
N LEU B 97 14.80 -5.59 22.27
CA LEU B 97 14.02 -4.38 22.17
C LEU B 97 13.95 -3.87 20.73
N ILE B 98 15.08 -3.88 20.03
CA ILE B 98 15.10 -3.43 18.63
C ILE B 98 14.22 -4.34 17.78
N GLY B 99 14.29 -5.65 17.99
CA GLY B 99 13.47 -6.58 17.23
C GLY B 99 11.98 -6.38 17.47
N ILE B 100 11.56 -6.43 18.74
CA ILE B 100 10.13 -6.32 19.03
C ILE B 100 9.58 -4.96 18.61
N SER B 101 10.39 -3.90 18.70
CA SER B 101 9.92 -2.60 18.23
C SER B 101 9.82 -2.56 16.71
N SER B 102 10.72 -3.25 16.01
CA SER B 102 10.56 -3.41 14.57
C SER B 102 9.26 -4.14 14.25
N LEU B 103 8.96 -5.21 15.00
CA LEU B 103 7.72 -5.93 14.78
C LEU B 103 6.50 -5.09 15.12
N PHE B 104 6.60 -4.23 16.14
CA PHE B 104 5.51 -3.33 16.47
C PHE B 104 5.18 -2.41 15.30
N ILE B 105 6.20 -1.70 14.80
CA ILE B 105 6.01 -0.86 13.61
C ILE B 105 5.43 -1.67 12.48
N ALA B 106 5.97 -2.87 12.24
CA ALA B 106 5.53 -3.67 11.11
C ALA B 106 4.06 -4.06 11.25
N ALA B 107 3.65 -4.49 12.46
CA ALA B 107 2.26 -4.87 12.67
C ALA B 107 1.33 -3.69 12.46
N LYS B 108 1.72 -2.50 12.95
CA LYS B 108 0.86 -1.33 12.77
C LYS B 108 0.74 -0.96 11.30
N LEU B 109 1.76 -1.23 10.50
CA LEU B 109 1.69 -0.93 9.06
C LEU B 109 0.80 -1.91 8.31
N GLU B 110 0.81 -3.19 8.68
CA GLU B 110 0.29 -4.23 7.81
C GLU B 110 -1.03 -4.84 8.26
N GLU B 111 -1.27 -4.98 9.57
CA GLU B 111 -2.45 -5.69 10.04
C GLU B 111 -3.65 -4.76 10.10
N ILE B 112 -4.82 -5.30 9.73
CA ILE B 112 -6.06 -4.53 9.86
C ILE B 112 -6.33 -4.21 11.32
N TYR B 113 -6.26 -5.23 12.20
CA TYR B 113 -6.41 -5.07 13.64
C TYR B 113 -5.16 -5.57 14.33
N PRO B 114 -4.12 -4.73 14.40
CA PRO B 114 -2.85 -5.17 15.01
C PRO B 114 -3.00 -5.45 16.49
N PRO B 115 -2.08 -6.20 17.09
CA PRO B 115 -2.09 -6.33 18.55
C PRO B 115 -1.73 -5.02 19.22
N LYS B 116 -2.22 -4.87 20.45
CA LYS B 116 -1.97 -3.67 21.23
C LYS B 116 -0.53 -3.62 21.73
N LEU B 117 -0.12 -2.42 22.15
CA LEU B 117 1.25 -2.21 22.62
C LEU B 117 1.60 -3.13 23.77
N HIS B 118 0.71 -3.24 24.76
CA HIS B 118 1.02 -4.05 25.93
C HIS B 118 1.20 -5.52 25.59
N GLN B 119 0.62 -6.00 24.49
CA GLN B 119 0.86 -7.39 24.09
C GLN B 119 2.28 -7.57 23.58
N PHE B 120 2.81 -6.57 22.86
CA PHE B 120 4.20 -6.63 22.42
C PHE B 120 5.16 -6.57 23.60
N ALA B 121 4.82 -5.84 24.65
CA ALA B 121 5.61 -5.89 25.86
C ALA B 121 5.40 -7.21 26.61
N TYR B 122 4.19 -7.74 26.55
CA TYR B 122 3.87 -8.97 27.27
C TYR B 122 4.68 -10.16 26.78
N VAL B 123 4.98 -10.22 25.48
CA VAL B 123 5.69 -11.39 24.95
C VAL B 123 7.18 -11.35 25.26
N THR B 124 7.75 -10.18 25.55
CA THR B 124 9.14 -10.11 25.98
C THR B 124 9.35 -10.59 27.40
N ASP B 125 8.28 -11.03 28.07
CA ASP B 125 8.35 -11.52 29.45
C ASP B 125 8.95 -10.47 30.37
N GLY B 126 8.62 -9.21 30.11
CA GLY B 126 9.01 -8.11 30.98
C GLY B 126 10.36 -7.48 30.68
N ALA B 127 11.13 -8.03 29.75
CA ALA B 127 12.39 -7.41 29.38
C ALA B 127 12.21 -6.11 28.60
N CYS B 128 10.99 -5.82 28.14
CA CYS B 128 10.74 -4.62 27.36
C CYS B 128 9.40 -4.03 27.80
N SER B 129 9.45 -2.83 28.36
CA SER B 129 8.23 -2.13 28.75
C SER B 129 7.59 -1.47 27.54
N GLY B 130 6.31 -1.12 27.67
CA GLY B 130 5.64 -0.41 26.59
C GLY B 130 6.30 0.92 26.30
N ASP B 131 6.77 1.61 27.33
CA ASP B 131 7.44 2.90 27.14
C ASP B 131 8.78 2.70 26.43
N GLU B 132 9.49 1.62 26.74
CA GLU B 132 10.72 1.31 26.01
C GLU B 132 10.44 1.06 24.53
N ILE B 133 9.34 0.36 24.23
CA ILE B 133 9.01 0.06 22.85
C ILE B 133 8.68 1.33 22.08
N LEU B 134 7.92 2.24 22.70
CA LEU B 134 7.56 3.49 22.04
C LEU B 134 8.78 4.38 21.79
N THR B 135 9.73 4.38 22.74
CA THR B 135 10.98 5.10 22.50
C THR B 135 11.75 4.48 21.35
N MET B 136 11.80 3.15 21.31
CA MET B 136 12.58 2.47 20.29
C MET B 136 11.95 2.60 18.91
N GLU B 137 10.61 2.63 18.82
CA GLU B 137 9.98 2.71 17.52
C GLU B 137 10.27 4.05 16.85
N LEU B 138 10.34 5.12 17.64
CA LEU B 138 10.67 6.43 17.09
C LEU B 138 12.14 6.50 16.67
N MET B 139 13.04 5.93 17.47
CA MET B 139 14.44 5.87 17.07
C MET B 139 14.61 5.09 15.78
N ILE B 140 13.93 3.95 15.66
CA ILE B 140 14.03 3.15 14.43
C ILE B 140 13.52 3.94 13.25
N MET B 141 12.32 4.51 13.36
CA MET B 141 11.71 5.16 12.21
C MET B 141 12.49 6.40 11.79
N LYS B 142 13.02 7.14 12.76
CA LYS B 142 13.83 8.31 12.43
C LYS B 142 15.15 7.90 11.79
N ALA B 143 15.83 6.89 12.34
CA ALA B 143 17.09 6.45 11.75
C ALA B 143 16.90 5.87 10.35
N LEU B 144 15.73 5.30 10.06
CA LEU B 144 15.44 4.82 8.73
C LEU B 144 14.91 5.90 7.81
N LYS B 145 14.90 7.16 8.25
CA LYS B 145 14.38 8.28 7.47
C LYS B 145 12.93 8.04 7.05
N TRP B 146 12.20 7.27 7.88
CA TRP B 146 10.80 6.95 7.65
C TRP B 146 10.59 6.21 6.32
N ARG B 147 11.62 5.51 5.84
CA ARG B 147 11.51 4.64 4.67
C ARG B 147 11.07 3.27 5.17
N LEU B 148 9.76 3.04 5.22
CA LEU B 148 9.20 1.87 5.87
C LEU B 148 8.35 1.05 4.91
N SER B 149 8.62 1.14 3.61
CA SER B 149 7.84 0.44 2.59
C SER B 149 8.72 -0.37 1.64
N PRO B 150 9.57 -1.26 2.16
CA PRO B 150 10.39 -2.08 1.28
C PRO B 150 9.57 -3.15 0.58
N LEU B 151 10.16 -3.73 -0.46
CA LEU B 151 9.62 -4.94 -1.08
C LEU B 151 10.31 -6.12 -0.41
N THR B 152 9.65 -6.71 0.58
CA THR B 152 10.25 -7.76 1.38
C THR B 152 10.55 -8.99 0.51
N ILE B 153 11.29 -9.92 1.12
CA ILE B 153 11.54 -11.20 0.49
C ILE B 153 10.24 -11.90 0.13
N VAL B 154 9.29 -11.92 1.06
CA VAL B 154 8.06 -12.67 0.84
C VAL B 154 7.15 -11.97 -0.16
N SER B 155 7.21 -10.64 -0.26
CA SER B 155 6.38 -9.97 -1.25
C SER B 155 6.76 -10.39 -2.67
N TRP B 156 8.04 -10.68 -2.90
CA TRP B 156 8.43 -11.15 -4.23
C TRP B 156 7.88 -12.54 -4.51
N LEU B 157 7.93 -13.44 -3.53
CA LEU B 157 7.32 -14.75 -3.73
C LEU B 157 5.86 -14.63 -4.12
N ASN B 158 5.14 -13.68 -3.50
CA ASN B 158 3.73 -13.47 -3.84
C ASN B 158 3.58 -13.11 -5.32
N VAL B 159 4.43 -12.22 -5.83
CA VAL B 159 4.41 -11.88 -7.26
C VAL B 159 4.72 -13.10 -8.11
N TYR B 160 5.74 -13.85 -7.72
CA TYR B 160 6.19 -14.96 -8.55
C TYR B 160 5.13 -16.05 -8.64
N MET B 161 4.35 -16.24 -7.58
CA MET B 161 3.33 -17.28 -7.59
C MET B 161 2.14 -16.89 -8.46
N GLN B 162 1.81 -15.60 -8.49
CA GLN B 162 0.74 -15.14 -9.36
C GLN B 162 1.08 -15.33 -10.83
N VAL B 163 2.29 -14.93 -11.23
CA VAL B 163 2.68 -15.01 -12.63
C VAL B 163 2.76 -16.47 -13.08
N ALA B 164 3.23 -17.36 -12.19
CA ALA B 164 3.31 -18.78 -12.54
C ALA B 164 1.94 -19.35 -12.91
N TYR B 165 0.88 -18.81 -12.31
CA TYR B 165 -0.48 -19.31 -12.51
C TYR B 165 -1.35 -18.28 -13.23
N LEU B 166 -0.73 -17.41 -14.02
CA LEU B 166 -1.48 -16.45 -14.83
C LEU B 166 -2.32 -17.19 -15.85
N ASN B 167 -3.63 -16.93 -15.83
CA ASN B 167 -4.53 -17.44 -16.85
C ASN B 167 -4.41 -16.60 -18.11
N ASP B 168 -5.21 -16.92 -19.12
CA ASP B 168 -5.24 -16.10 -20.31
C ASP B 168 -5.90 -14.76 -20.06
N LEU B 169 -6.69 -14.64 -18.99
CA LEU B 169 -7.30 -13.37 -18.62
C LEU B 169 -6.26 -12.36 -18.16
N HIS B 170 -5.08 -12.82 -17.72
CA HIS B 170 -3.97 -11.96 -17.34
C HIS B 170 -4.32 -11.00 -16.20
N GLU B 171 -5.24 -11.41 -15.33
CA GLU B 171 -5.58 -10.61 -14.15
C GLU B 171 -4.51 -10.83 -13.09
N VAL B 172 -3.74 -9.78 -12.79
CA VAL B 172 -2.56 -9.90 -11.94
C VAL B 172 -2.82 -9.47 -10.50
N LEU B 173 -3.94 -8.81 -10.21
CA LEU B 173 -4.18 -8.30 -8.87
C LEU B 173 -5.03 -9.23 -7.99
N LEU B 174 -5.86 -10.08 -8.59
CA LEU B 174 -6.67 -11.00 -7.79
C LEU B 174 -5.87 -12.27 -7.52
N PRO B 175 -5.58 -12.61 -6.27
CA PRO B 175 -4.66 -13.72 -5.98
C PRO B 175 -5.24 -15.06 -6.39
N GLN B 176 -4.40 -15.88 -7.02
CA GLN B 176 -4.82 -17.20 -7.49
C GLN B 176 -3.58 -18.06 -7.68
N TYR B 177 -3.36 -19.02 -6.78
CA TYR B 177 -2.28 -19.98 -6.85
C TYR B 177 -2.42 -20.96 -5.68
N PRO B 178 -1.83 -22.15 -5.79
CA PRO B 178 -1.91 -23.13 -4.69
C PRO B 178 -1.23 -22.62 -3.42
N GLN B 179 -1.99 -22.62 -2.34
CA GLN B 179 -1.47 -22.21 -1.04
C GLN B 179 -0.40 -23.17 -0.53
N GLN B 180 -0.46 -24.44 -0.94
CA GLN B 180 0.43 -25.44 -0.37
C GLN B 180 1.87 -25.23 -0.83
N ILE B 181 2.09 -24.99 -2.12
CA ILE B 181 3.47 -24.82 -2.57
C ILE B 181 4.02 -23.46 -2.14
N PHE B 182 3.14 -22.46 -1.97
CA PHE B 182 3.59 -21.17 -1.47
C PHE B 182 4.27 -21.32 -0.11
N ILE B 183 3.58 -21.93 0.86
CA ILE B 183 4.16 -22.08 2.19
C ILE B 183 5.39 -22.98 2.17
N GLN B 184 5.54 -23.82 1.16
CA GLN B 184 6.73 -24.66 1.09
C GLN B 184 7.95 -23.86 0.64
N ILE B 185 7.77 -22.95 -0.31
CA ILE B 185 8.88 -22.07 -0.73
C ILE B 185 9.18 -21.04 0.35
N ALA B 186 8.14 -20.51 0.99
CA ALA B 186 8.37 -19.58 2.09
C ALA B 186 9.20 -20.23 3.19
N GLU B 187 9.03 -21.54 3.39
CA GLU B 187 9.80 -22.25 4.41
C GLU B 187 11.30 -22.23 4.09
N LEU B 188 11.65 -22.40 2.80
CA LEU B 188 13.06 -22.29 2.44
C LEU B 188 13.58 -20.88 2.66
N LEU B 189 12.76 -19.87 2.36
CA LEU B 189 13.19 -18.49 2.55
C LEU B 189 13.32 -18.14 4.03
N ASP B 190 12.37 -18.59 4.85
CA ASP B 190 12.47 -18.35 6.29
C ASP B 190 13.77 -18.89 6.87
N LEU B 191 14.29 -19.99 6.31
CA LEU B 191 15.56 -20.52 6.78
C LEU B 191 16.71 -19.64 6.32
N CYS B 192 16.76 -19.34 5.02
CA CYS B 192 17.83 -18.51 4.47
C CYS B 192 17.89 -17.14 5.12
N VAL B 193 16.75 -16.58 5.53
CA VAL B 193 16.75 -15.25 6.10
C VAL B 193 17.45 -15.23 7.46
N LEU B 194 17.59 -16.39 8.10
CA LEU B 194 18.31 -16.46 9.36
C LEU B 194 19.81 -16.28 9.16
N ASP B 195 20.33 -16.58 7.97
CA ASP B 195 21.75 -16.44 7.68
C ASP B 195 21.99 -15.03 7.14
N VAL B 196 22.83 -14.27 7.83
CA VAL B 196 23.06 -12.88 7.47
C VAL B 196 23.69 -12.75 6.08
N ASP B 197 24.39 -13.77 5.60
CA ASP B 197 24.97 -13.69 4.26
C ASP B 197 23.92 -13.58 3.16
N CYS B 198 22.63 -13.77 3.48
CA CYS B 198 21.59 -13.64 2.45
C CYS B 198 21.48 -12.22 1.94
N LEU B 199 21.90 -11.22 2.74
CA LEU B 199 21.78 -9.83 2.35
C LEU B 199 22.71 -9.47 1.20
N GLU B 200 23.69 -10.32 0.89
CA GLU B 200 24.47 -10.14 -0.33
C GLU B 200 23.58 -10.12 -1.56
N PHE B 201 22.48 -10.87 -1.53
CA PHE B 201 21.62 -11.00 -2.70
C PHE B 201 20.35 -10.17 -2.53
N PRO B 202 19.94 -9.47 -3.60
CA PRO B 202 18.71 -8.69 -3.53
C PRO B 202 17.52 -9.57 -3.17
N TYR B 203 16.51 -8.94 -2.54
CA TYR B 203 15.36 -9.69 -2.05
C TYR B 203 14.65 -10.42 -3.19
N GLY B 204 14.54 -9.78 -4.36
CA GLY B 204 13.92 -10.44 -5.50
C GLY B 204 14.72 -11.61 -6.03
N ILE B 205 16.05 -11.53 -5.97
CA ILE B 205 16.89 -12.65 -6.35
C ILE B 205 16.72 -13.81 -5.36
N LEU B 206 16.68 -13.49 -4.06
CA LEU B 206 16.52 -14.52 -3.04
C LEU B 206 15.25 -15.32 -3.26
N ALA B 207 14.13 -14.62 -3.48
CA ALA B 207 12.85 -15.29 -3.68
C ALA B 207 12.83 -16.10 -4.98
N ALA B 208 13.45 -15.56 -6.04
CA ALA B 208 13.49 -16.31 -7.29
C ALA B 208 14.33 -17.57 -7.16
N SER B 209 15.40 -17.52 -6.37
CA SER B 209 16.26 -18.69 -6.20
C SER B 209 15.57 -19.77 -5.39
N ALA B 210 14.81 -19.38 -4.36
CA ALA B 210 14.01 -20.34 -3.63
C ALA B 210 12.97 -21.00 -4.53
N LEU B 211 12.33 -20.21 -5.39
CA LEU B 211 11.34 -20.78 -6.31
C LEU B 211 11.99 -21.73 -7.29
N TYR B 212 13.17 -21.36 -7.80
CA TYR B 212 13.87 -22.25 -8.72
C TYR B 212 14.11 -23.62 -8.09
N HIS B 213 14.50 -23.66 -6.82
CA HIS B 213 14.79 -24.94 -6.18
C HIS B 213 13.56 -25.83 -6.06
N PHE B 214 12.37 -25.26 -6.15
CA PHE B 214 11.14 -26.02 -6.12
C PHE B 214 10.52 -26.20 -7.50
N SER B 215 11.18 -25.71 -8.55
CA SER B 215 10.70 -25.90 -9.91
C SER B 215 11.84 -26.00 -10.92
N SER B 216 12.06 -24.94 -11.70
CA SER B 216 12.99 -24.98 -12.83
C SER B 216 13.45 -23.58 -13.16
N SER B 217 14.55 -23.49 -13.91
CA SER B 217 15.00 -22.18 -14.37
C SER B 217 14.01 -21.56 -15.35
N GLU B 218 13.33 -22.38 -16.15
CA GLU B 218 12.36 -21.84 -17.11
C GLU B 218 11.19 -21.18 -16.39
N LEU B 219 10.61 -21.86 -15.41
CA LEU B 219 9.56 -21.23 -14.62
C LEU B 219 10.09 -20.02 -13.88
N MET B 220 11.29 -20.13 -13.32
CA MET B 220 11.87 -19.02 -12.55
C MET B 220 11.97 -17.77 -13.40
N GLN B 221 12.56 -17.90 -14.59
CA GLN B 221 12.72 -16.76 -15.50
C GLN B 221 11.38 -16.25 -15.99
N LYS B 222 10.42 -17.15 -16.23
CA LYS B 222 9.11 -16.75 -16.72
C LYS B 222 8.40 -15.81 -15.74
N VAL B 223 8.52 -16.08 -14.44
CA VAL B 223 7.76 -15.35 -13.44
C VAL B 223 8.58 -14.27 -12.74
N SER B 224 9.92 -14.30 -12.84
CA SER B 224 10.76 -13.33 -12.17
C SER B 224 11.49 -12.37 -13.11
N GLY B 225 11.71 -12.76 -14.36
CA GLY B 225 12.43 -11.92 -15.30
C GLY B 225 13.92 -12.08 -15.29
N TYR B 226 14.49 -12.73 -14.28
CA TYR B 226 15.92 -12.84 -14.15
C TYR B 226 16.44 -14.08 -14.86
N GLN B 227 17.60 -13.94 -15.50
CA GLN B 227 18.23 -15.05 -16.19
C GLN B 227 18.95 -15.95 -15.19
N TRP B 228 19.32 -17.13 -15.68
CA TRP B 228 20.02 -18.09 -14.82
C TRP B 228 21.32 -17.51 -14.27
N CYS B 229 22.02 -16.70 -15.06
CA CYS B 229 23.28 -16.10 -14.61
C CYS B 229 23.06 -15.12 -13.45
N ASP B 230 21.91 -14.46 -13.41
CA ASP B 230 21.63 -13.49 -12.36
C ASP B 230 21.50 -14.17 -10.99
N ILE B 231 20.96 -15.38 -10.97
CA ILE B 231 20.66 -16.07 -9.72
C ILE B 231 21.58 -17.23 -9.45
N GLU B 232 22.49 -17.57 -10.36
CA GLU B 232 23.36 -18.72 -10.16
C GLU B 232 24.15 -18.60 -8.86
N ASN B 233 24.70 -17.41 -8.60
CA ASN B 233 25.44 -17.21 -7.36
C ASN B 233 24.54 -17.44 -6.15
N CYS B 234 23.35 -16.83 -6.17
CA CYS B 234 22.38 -17.04 -5.09
C CYS B 234 22.01 -18.50 -4.96
N VAL B 235 21.72 -19.17 -6.08
CA VAL B 235 21.29 -20.57 -6.05
C VAL B 235 22.39 -21.43 -5.42
N LYS B 236 23.64 -21.23 -5.85
CA LYS B 236 24.74 -21.99 -5.28
C LYS B 236 24.88 -21.73 -3.78
N TRP B 237 24.58 -20.52 -3.32
CA TRP B 237 24.63 -20.26 -1.89
C TRP B 237 23.45 -20.89 -1.17
N MET B 238 22.27 -20.86 -1.79
CA MET B 238 21.08 -21.44 -1.20
C MET B 238 21.10 -22.96 -1.20
N VAL B 239 22.03 -23.57 -1.94
CA VAL B 239 22.17 -25.02 -2.09
C VAL B 239 22.05 -25.75 -0.75
N PRO B 240 22.87 -25.46 0.27
CA PRO B 240 22.75 -26.21 1.52
C PRO B 240 21.39 -26.08 2.19
N PHE B 241 20.82 -24.87 2.19
CA PHE B 241 19.51 -24.67 2.81
C PHE B 241 18.44 -25.46 2.08
N ALA B 242 18.49 -25.50 0.75
CA ALA B 242 17.48 -26.20 -0.02
C ALA B 242 17.48 -27.69 0.30
N MET B 243 18.66 -28.31 0.36
CA MET B 243 18.73 -29.74 0.61
C MET B 243 18.33 -30.09 2.03
N VAL B 244 18.59 -29.21 3.00
CA VAL B 244 18.14 -29.47 4.37
C VAL B 244 16.62 -29.58 4.40
N ILE B 245 15.92 -28.66 3.72
CA ILE B 245 14.47 -28.74 3.62
C ILE B 245 14.05 -30.00 2.88
N ARG B 246 14.84 -30.41 1.87
CA ARG B 246 14.48 -31.59 1.10
C ARG B 246 14.66 -32.86 1.92
N GLU B 247 15.69 -32.90 2.77
CA GLU B 247 15.96 -34.10 3.57
C GLU B 247 14.85 -34.34 4.58
N THR B 248 14.31 -33.28 5.16
CA THR B 248 13.24 -33.41 6.15
C THR B 248 11.85 -33.34 5.53
N GLY B 249 11.74 -32.98 4.25
CA GLY B 249 10.45 -32.79 3.63
C GLY B 249 9.87 -31.41 3.88
N SER B 250 8.78 -31.13 3.20
CA SER B 250 8.10 -29.84 3.28
C SER B 250 6.87 -29.94 4.20
N SER B 251 6.49 -28.81 4.78
CA SER B 251 5.40 -28.77 5.74
C SER B 251 4.05 -28.69 5.03
N LYS B 252 2.98 -28.91 5.80
CA LYS B 252 1.62 -28.85 5.31
C LYS B 252 1.01 -27.49 5.61
N LEU B 253 -0.01 -27.14 4.83
CA LEU B 253 -0.74 -25.89 5.03
C LEU B 253 -1.61 -25.99 6.27
N LYS B 254 -1.55 -24.98 7.13
CA LYS B 254 -2.29 -24.98 8.37
C LYS B 254 -3.59 -24.20 8.24
N HIS B 255 -4.51 -24.48 9.16
CA HIS B 255 -5.72 -23.69 9.35
C HIS B 255 -5.58 -22.91 10.66
N PHE B 256 -6.00 -21.65 10.62
CA PHE B 256 -5.88 -20.75 11.76
C PHE B 256 -7.26 -20.24 12.14
N ARG B 257 -7.57 -20.28 13.44
CA ARG B 257 -8.88 -19.89 13.93
C ARG B 257 -9.14 -18.41 13.65
N GLY B 258 -10.28 -18.12 13.02
CA GLY B 258 -10.64 -16.77 12.69
C GLY B 258 -10.01 -16.22 11.42
N VAL B 259 -9.26 -17.04 10.69
CA VAL B 259 -8.58 -16.64 9.47
C VAL B 259 -9.29 -17.32 8.30
N ALA B 260 -9.77 -16.52 7.35
CA ALA B 260 -10.37 -17.10 6.15
C ALA B 260 -9.37 -18.01 5.46
N ASP B 261 -9.86 -19.14 4.92
CA ASP B 261 -8.94 -20.11 4.36
C ASP B 261 -8.26 -19.61 3.09
N GLU B 262 -8.88 -18.67 2.37
CA GLU B 262 -8.21 -18.04 1.22
C GLU B 262 -7.09 -17.11 1.63
N ASP B 263 -6.94 -16.82 2.92
CA ASP B 263 -5.81 -16.05 3.44
C ASP B 263 -4.87 -16.91 4.29
N ALA B 264 -5.15 -18.21 4.40
CA ALA B 264 -4.45 -19.06 5.37
C ALA B 264 -2.95 -19.20 5.08
N HIS B 265 -2.56 -19.16 3.81
CA HIS B 265 -1.14 -19.30 3.46
C HIS B 265 -0.33 -18.06 3.83
N ASN B 266 -1.00 -16.93 4.09
CA ASN B 266 -0.36 -15.65 4.37
C ASN B 266 0.02 -15.46 5.84
N ILE B 267 -0.30 -16.41 6.71
CA ILE B 267 0.03 -16.31 8.14
C ILE B 267 1.43 -16.87 8.36
N GLN B 268 2.24 -16.14 9.12
CA GLN B 268 3.59 -16.60 9.43
C GLN B 268 3.53 -17.82 10.34
N THR B 269 4.40 -18.79 10.06
CA THR B 269 4.49 -19.99 10.88
C THR B 269 5.90 -20.08 11.48
N HIS B 270 6.05 -20.99 12.43
CA HIS B 270 7.33 -21.21 13.07
C HIS B 270 7.61 -22.71 13.16
N ARG B 271 8.87 -23.05 12.92
CA ARG B 271 9.37 -24.41 12.99
C ARG B 271 10.78 -24.33 13.56
N ASP B 272 11.30 -25.45 14.04
CA ASP B 272 12.65 -25.48 14.60
C ASP B 272 13.65 -25.36 13.45
N SER B 273 13.83 -24.12 12.99
CA SER B 273 14.72 -23.83 11.88
C SER B 273 16.16 -23.60 12.31
N LEU B 274 16.40 -23.35 13.60
CA LEU B 274 17.76 -23.05 14.04
C LEU B 274 18.65 -24.28 13.99
N ASP B 275 18.13 -25.45 14.35
CA ASP B 275 18.93 -26.65 14.22
C ASP B 275 19.14 -27.04 12.76
N LEU B 276 18.17 -26.74 11.90
CA LEU B 276 18.35 -27.01 10.47
C LEU B 276 19.36 -26.04 9.86
N LEU B 277 19.37 -24.79 10.34
CA LEU B 277 20.39 -23.84 9.92
C LEU B 277 21.78 -24.32 10.33
N ASP B 278 21.89 -24.97 11.49
CA ASP B 278 23.16 -25.53 11.92
C ASP B 278 23.58 -26.70 11.04
N LYS B 279 22.62 -27.44 10.48
CA LYS B 279 22.93 -28.54 9.57
C LYS B 279 23.29 -28.02 8.20
N ALA B 280 24.18 -27.04 8.13
CA ALA B 280 24.63 -26.46 6.87
C ALA B 280 26.03 -25.88 7.10
N ARG B 281 26.40 -24.90 6.29
CA ARG B 281 27.69 -24.19 6.35
C ARG B 281 28.88 -25.12 6.17
N ALA B 282 28.63 -26.40 5.88
CA ALA B 282 29.71 -27.36 5.64
C ALA B 282 29.62 -27.93 4.24
C11 A1CAH C . -1.70 19.13 5.51
C12 A1CAH C . -1.63 19.48 3.99
C13 A1CAH C . -2.13 18.11 3.37
C14 A1CAH C . -2.35 20.79 3.66
C15 A1CAH C . -3.55 21.40 4.02
C16 A1CAH C . -3.66 22.69 3.35
C18 A1CAH C . -6.08 23.50 3.72
C19 A1CAH C . -7.13 24.69 3.68
C21 A1CAH C . -9.26 25.57 3.40
C22 A1CAH C . -8.82 26.89 3.62
C24 A1CAH C . -6.67 26.03 3.89
C01 A1CAH C . -7.48 19.11 6.74
C02 A1CAH C . -6.71 18.36 5.65
C03 A1CAH C . -7.62 18.10 4.39
C04 A1CAH C . -7.70 19.16 3.32
C05 A1CAH C . -7.01 17.90 3.04
C07 A1CAH C . -4.85 16.63 5.63
C09 A1CAH C . -2.76 17.21 4.51
C10 A1CAH C . -1.83 17.67 5.65
N06 A1CAH C . -6.03 17.10 6.19
N17 A1CAH C . -4.71 23.69 3.39
N20 A1CAH C . -8.44 24.50 3.42
N23 A1CAH C . -7.50 27.10 3.87
N26 A1CAH C . -2.52 22.83 2.59
N27 A1CAH C . -1.76 21.70 2.78
O08 A1CAH C . -4.15 17.49 4.78
O25 A1CAH C . -6.51 22.44 4.03
O28 A1CAH C . -4.36 15.54 5.82
#